data_5LIK
#
_entry.id   5LIK
#
_cell.length_a   78.661
_cell.length_b   78.661
_cell.length_c   48.221
_cell.angle_alpha   90.00
_cell.angle_beta   90.00
_cell.angle_gamma   120.00
#
_symmetry.space_group_name_H-M   'P 31'
#
loop_
_entity.id
_entity.type
_entity.pdbx_description
1 polymer 'Aldo-keto reductase family 1 member B10'
2 non-polymer 'NADP NICOTINAMIDE-ADENINE-DINUCLEOTIDE PHOSPHATE'
3 non-polymer '{2-[(4-bromobenzyl)carbamoyl]-5-chlorophenoxy}acetic acid'
4 non-polymer 1,2-ETHANEDIOL
5 water water
#
_entity_poly.entity_id   1
_entity_poly.type   'polypeptide(L)'
_entity_poly.pdbx_seq_one_letter_code
;MATFVELSTKA(MLZ)MPIVGLGTWKSPLG(MLY)VKEAV(MLY)VAIDAGYRHIDCAYVYQNEHEVGEAIQE(MLZ)IQ
E(MLY)AVKREDLFIVSKLWPTFFERPLVRKAFE(MLY)TL(MLZ)DLKLSYLDVYLIHWPQGFKSGDDLFPRDDKGNAI
GGKATFLDAWEAMEELVDEGLV(MLZ)ALGVSNFSHFQIEKLLNKPGL(MLZ)YKPVTNQVECHPYLTQEKLIQYCHS
(MLY)GITVTAYSPLGSPDRPWAKPEDPSLLEDP(MLZ)IKEIAAKH(MLY)(MLZ)TAAQVLIRFHIQRNVIVIP
(MLY)SVTPARIVENIQVFDFKLSDEEMATILSFNRNWRACNLLQSSHLEDYPFNAEY
;
_entity_poly.pdbx_strand_id   X
#
loop_
_chem_comp.id
_chem_comp.type
_chem_comp.name
_chem_comp.formula
EDO non-polymer 1,2-ETHANEDIOL 'C2 H6 O2'
NAP non-polymer 'NADP NICOTINAMIDE-ADENINE-DINUCLEOTIDE PHOSPHATE' 'C21 H28 N7 O17 P3'
W8X non-polymer '{2-[(4-bromobenzyl)carbamoyl]-5-chlorophenoxy}acetic acid' 'C16 H13 Br Cl N O4'
#
# COMPACT_ATOMS: atom_id res chain seq x y z
N MET A 1 19.32 4.13 -2.00
CA MET A 1 18.70 4.94 -3.04
C MET A 1 18.15 4.03 -4.16
N ALA A 2 16.84 4.12 -4.39
CA ALA A 2 16.10 3.08 -5.10
C ALA A 2 15.87 3.29 -6.61
N THR A 3 15.69 2.18 -7.31
CA THR A 3 15.12 2.19 -8.65
C THR A 3 13.64 2.52 -8.56
N PHE A 4 13.01 2.54 -9.72
CA PHE A 4 11.68 3.08 -9.87
C PHE A 4 10.90 2.09 -10.72
N VAL A 5 9.58 2.15 -10.61
CA VAL A 5 8.74 1.50 -11.60
C VAL A 5 8.01 2.63 -12.31
N GLU A 6 8.04 2.61 -13.64
CA GLU A 6 7.39 3.65 -14.42
C GLU A 6 5.89 3.44 -14.46
N LEU A 7 5.13 4.47 -14.14
CA LEU A 7 3.68 4.40 -14.21
C LEU A 7 3.21 4.81 -15.61
N SER A 8 1.96 4.49 -15.93
CA SER A 8 1.37 4.84 -17.22
C SER A 8 1.29 6.35 -17.44
N THR A 9 1.52 7.13 -16.40
CA THR A 9 1.56 8.59 -16.51
C THR A 9 2.98 9.06 -16.75
N LYS A 10 3.86 8.10 -17.02
CA LYS A 10 5.31 8.34 -17.14
C LYS A 10 6.00 8.70 -15.81
N ALA A 11 5.20 8.96 -14.78
CA ALA A 11 5.74 9.22 -13.44
C ALA A 11 6.60 8.05 -12.96
N MLZ A 12 7.58 8.33 -12.10
CA MLZ A 12 8.46 7.30 -11.56
CB MLZ A 12 9.91 7.75 -11.71
CG MLZ A 12 10.37 7.69 -13.17
CD MLZ A 12 11.83 8.12 -13.28
CE MLZ A 12 12.07 9.43 -12.52
NZ MLZ A 12 13.05 10.28 -13.16
CM MLZ A 12 12.60 11.48 -13.85
C MLZ A 12 8.15 7.04 -10.09
O MLZ A 12 8.34 7.88 -9.23
N MET A 13 7.67 5.82 -9.81
CA MET A 13 7.32 5.43 -8.45
C MET A 13 8.46 4.63 -7.86
N PRO A 14 9.09 5.15 -6.80
CA PRO A 14 10.22 4.45 -6.17
C PRO A 14 9.79 3.05 -5.73
N ILE A 15 10.61 2.04 -6.01
CA ILE A 15 10.20 0.65 -5.89
C ILE A 15 10.15 0.16 -4.44
N VAL A 16 10.80 0.91 -3.54
CA VAL A 16 10.72 0.69 -2.10
C VAL A 16 10.13 1.93 -1.43
N GLY A 17 9.10 1.77 -0.63
CA GLY A 17 8.57 2.88 0.13
C GLY A 17 8.45 2.55 1.59
N LEU A 18 8.27 3.57 2.43
CA LEU A 18 8.05 3.39 3.87
C LEU A 18 6.57 3.29 4.23
N GLY A 19 6.16 2.16 4.82
CA GLY A 19 4.80 1.98 5.30
C GLY A 19 4.60 2.65 6.65
N THR A 20 3.38 3.13 6.92
CA THR A 20 3.12 3.87 8.15
C THR A 20 1.93 3.37 8.97
N TRP A 21 1.35 2.25 8.55
CA TRP A 21 0.24 1.72 9.33
C TRP A 21 0.70 1.26 10.73
N LYS A 22 0.01 1.76 11.77
CA LYS A 22 0.33 1.45 13.17
C LYS A 22 1.64 2.06 13.63
N SER A 23 2.24 2.92 12.82
CA SER A 23 3.42 3.64 13.31
C SER A 23 2.95 4.67 14.34
N PRO A 24 3.31 4.48 15.62
CA PRO A 24 2.73 5.26 16.73
C PRO A 24 3.09 6.73 16.65
N LEU A 25 2.23 7.60 17.17
CA LEU A 25 2.56 9.00 17.29
C LEU A 25 3.70 9.08 18.31
N GLY A 26 4.78 9.71 17.91
CA GLY A 26 5.93 9.86 18.80
C GLY A 26 7.07 9.01 18.28
N MLY A 27 6.80 8.27 17.22
CA MLY A 27 7.81 7.48 16.55
CB MLY A 27 7.73 6.01 17.01
CG MLY A 27 8.02 5.84 18.52
CD MLY A 27 8.34 4.41 18.93
CE MLY A 27 7.22 3.83 19.80
NZ MLY A 27 7.58 2.53 20.46
CH1 MLY A 27 7.92 2.82 21.86
CH2 MLY A 27 6.36 1.73 20.50
C MLY A 27 7.74 7.60 15.03
O MLY A 27 8.72 7.40 14.33
N VAL A 28 6.55 7.92 14.50
CA VAL A 28 6.42 7.93 13.05
C VAL A 28 7.15 9.12 12.43
N LYS A 29 7.16 10.25 13.15
CA LYS A 29 7.90 11.41 12.69
C LYS A 29 9.39 11.08 12.57
N GLU A 30 9.93 10.42 13.59
CA GLU A 30 11.34 10.03 13.57
CA GLU A 30 11.33 10.02 13.57
C GLU A 30 11.59 8.99 12.47
N ALA A 31 10.64 8.08 12.29
CA ALA A 31 10.78 7.06 11.25
C ALA A 31 10.86 7.68 9.85
N VAL A 32 10.00 8.65 9.58
CA VAL A 32 10.02 9.32 8.29
C VAL A 32 11.35 10.07 8.08
N MLY A 33 11.87 10.68 9.13
CA MLY A 33 13.12 11.45 9.03
CB MLY A 33 13.36 12.25 10.29
CG MLY A 33 12.33 13.36 10.55
CD MLY A 33 12.28 13.76 12.02
CE MLY A 33 13.66 14.14 12.53
NZ MLY A 33 13.60 15.12 13.64
CH1 MLY A 33 13.07 14.45 14.83
CH2 MLY A 33 14.99 15.50 13.93
C MLY A 33 14.29 10.52 8.75
O MLY A 33 15.13 10.79 7.88
N VAL A 34 14.35 9.41 9.51
CA VAL A 34 15.41 8.42 9.31
C VAL A 34 15.32 7.85 7.92
N ALA A 35 14.11 7.65 7.44
CA ALA A 35 13.90 7.02 6.14
C ALA A 35 14.40 7.89 4.99
N ILE A 36 13.96 9.14 4.99
CA ILE A 36 14.41 10.10 3.98
C ILE A 36 15.94 10.21 3.99
N ASP A 37 16.54 10.25 5.19
CA ASP A 37 18.01 10.24 5.32
C ASP A 37 18.63 9.03 4.63
N ALA A 38 17.97 7.89 4.74
CA ALA A 38 18.50 6.64 4.22
C ALA A 38 18.22 6.48 2.74
N GLY A 39 17.58 7.47 2.14
CA GLY A 39 17.34 7.40 0.72
C GLY A 39 15.93 7.01 0.28
N TYR A 40 15.01 6.84 1.23
CA TYR A 40 13.62 6.57 0.86
C TYR A 40 13.02 7.84 0.26
N ARG A 41 12.18 7.67 -0.76
CA ARG A 41 11.46 8.79 -1.37
C ARG A 41 9.94 8.53 -1.39
N HIS A 42 9.59 7.26 -1.27
CA HIS A 42 8.20 6.81 -1.31
C HIS A 42 7.73 6.56 0.10
N ILE A 43 6.64 7.25 0.48
CA ILE A 43 6.02 7.09 1.80
C ILE A 43 4.55 6.72 1.62
N ASP A 44 4.14 5.60 2.20
CA ASP A 44 2.74 5.16 2.11
C ASP A 44 1.94 5.60 3.32
N CYS A 45 0.88 6.37 3.10
CA CYS A 45 0.08 6.90 4.18
C CYS A 45 -1.38 6.52 4.03
N ALA A 46 -2.17 6.76 5.07
CA ALA A 46 -3.61 6.66 4.91
C ALA A 46 -4.41 7.48 5.93
N TYR A 47 -5.59 7.92 5.53
CA TYR A 47 -6.50 8.60 6.44
C TYR A 47 -6.76 7.75 7.67
N VAL A 48 -7.04 6.47 7.46
CA VAL A 48 -7.46 5.63 8.58
C VAL A 48 -6.32 5.37 9.58
N TYR A 49 -5.07 5.62 9.20
CA TYR A 49 -3.93 5.42 10.13
C TYR A 49 -3.91 6.49 11.21
N GLN A 50 -4.56 7.61 10.92
CA GLN A 50 -4.71 8.73 11.85
C GLN A 50 -3.37 9.16 12.42
N ASN A 51 -2.35 9.17 11.58
CA ASN A 51 -1.03 9.69 11.96
C ASN A 51 -0.45 10.60 10.89
N GLU A 52 -1.26 10.95 9.89
CA GLU A 52 -0.78 11.75 8.76
C GLU A 52 -0.28 13.14 9.19
N HIS A 53 -0.83 13.66 10.28
CA HIS A 53 -0.38 14.98 10.76
C HIS A 53 1.08 14.92 11.20
N GLU A 54 1.48 13.83 11.86
CA GLU A 54 2.86 13.65 12.27
C GLU A 54 3.78 13.34 11.09
N VAL A 55 3.31 12.51 10.15
CA VAL A 55 4.02 12.30 8.90
C VAL A 55 4.29 13.65 8.24
N GLY A 56 3.25 14.47 8.10
CA GLY A 56 3.38 15.78 7.49
C GLY A 56 4.46 16.66 8.13
N GLU A 57 4.51 16.66 9.46
CA GLU A 57 5.53 17.42 10.19
C GLU A 57 6.94 16.96 9.84
N ALA A 58 7.13 15.65 9.76
CA ALA A 58 8.43 15.08 9.44
C ALA A 58 8.88 15.43 8.02
N ILE A 59 7.93 15.42 7.09
CA ILE A 59 8.22 15.72 5.70
C ILE A 59 8.55 17.20 5.51
N GLN A 60 7.88 18.06 6.26
CA GLN A 60 8.14 19.49 6.15
C GLN A 60 9.58 19.79 6.55
N GLU A 61 10.01 19.21 7.67
CA GLU A 61 11.40 19.37 8.12
C GLU A 61 12.41 19.01 7.03
N MLZ A 62 12.34 17.79 6.53
CA MLZ A 62 13.30 17.31 5.56
CB MLZ A 62 12.97 15.87 5.18
CG MLZ A 62 13.33 14.95 6.35
CD MLZ A 62 14.84 15.01 6.62
CE MLZ A 62 15.14 14.46 8.00
NZ MLZ A 62 16.45 14.90 8.48
CM MLZ A 62 17.03 14.23 9.62
C MLZ A 62 13.32 18.18 4.32
O MLZ A 62 14.36 18.38 3.71
N ILE A 63 12.16 18.69 3.94
CA ILE A 63 12.03 19.57 2.79
C ILE A 63 12.79 20.90 3.00
N GLN A 64 12.64 21.50 4.19
CA GLN A 64 13.28 22.79 4.44
C GLN A 64 14.77 22.70 4.80
N GLU A 65 15.23 21.53 5.26
CA GLU A 65 16.67 21.27 5.40
C GLU A 65 17.22 20.92 4.03
N MLY A 66 16.31 20.68 3.09
CA MLY A 66 16.63 20.29 1.72
CB MLY A 66 17.38 21.41 0.99
CG MLY A 66 17.16 21.44 -0.51
CD MLY A 66 18.45 21.11 -1.24
CE MLY A 66 18.21 20.88 -2.70
NZ MLY A 66 19.04 19.74 -3.20
CH1 MLY A 66 18.58 19.50 -4.58
CH2 MLY A 66 20.42 20.24 -3.27
C MLY A 66 17.41 18.98 1.64
O MLY A 66 18.38 18.86 0.89
N ALA A 67 16.96 18.00 2.41
CA ALA A 67 17.46 16.64 2.25
C ALA A 67 16.90 16.12 0.93
N VAL A 68 15.79 16.70 0.51
CA VAL A 68 15.07 16.24 -0.66
C VAL A 68 14.18 17.35 -1.25
N LYS A 69 14.02 17.35 -2.57
CA LYS A 69 13.01 18.18 -3.23
C LYS A 69 11.64 17.47 -3.18
N ARG A 70 10.58 18.24 -2.99
CA ARG A 70 9.21 17.72 -2.98
C ARG A 70 8.96 16.88 -4.23
N GLU A 71 9.49 17.34 -5.36
CA GLU A 71 9.37 16.59 -6.61
C GLU A 71 10.12 15.25 -6.56
N ASP A 72 11.07 15.09 -5.64
CA ASP A 72 11.77 13.81 -5.48
C ASP A 72 11.00 12.88 -4.53
N LEU A 73 10.05 13.45 -3.79
CA LEU A 73 9.22 12.66 -2.89
C LEU A 73 8.02 12.08 -3.62
N PHE A 74 7.61 10.87 -3.21
CA PHE A 74 6.45 10.20 -3.79
C PHE A 74 5.51 9.87 -2.63
N ILE A 75 4.42 10.62 -2.53
CA ILE A 75 3.52 10.51 -1.38
C ILE A 75 2.19 9.93 -1.78
N VAL A 76 1.83 8.80 -1.16
CA VAL A 76 0.59 8.12 -1.42
C VAL A 76 -0.29 8.19 -0.17
N SER A 77 -1.57 8.48 -0.36
CA SER A 77 -2.56 8.27 0.68
C SER A 77 -3.80 7.60 0.07
N LYS A 78 -4.84 7.38 0.87
CA LYS A 78 -5.93 6.50 0.51
C LYS A 78 -7.25 6.98 1.08
N LEU A 79 -8.32 6.75 0.33
CA LEU A 79 -9.67 7.12 0.74
C LEU A 79 -10.33 5.95 1.42
N TRP A 80 -10.73 6.13 2.68
CA TRP A 80 -11.39 5.06 3.44
C TRP A 80 -12.85 4.89 2.98
N PRO A 81 -13.35 3.64 2.97
CA PRO A 81 -14.65 3.43 2.29
C PRO A 81 -15.90 3.94 3.02
N THR A 82 -15.74 4.68 4.12
CA THR A 82 -16.89 5.37 4.73
C THR A 82 -17.07 6.76 4.11
N PHE A 83 -16.24 7.07 3.12
CA PHE A 83 -16.30 8.39 2.48
C PHE A 83 -16.53 8.30 0.99
N PHE A 84 -17.30 7.31 0.52
CA PHE A 84 -17.49 7.16 -0.93
C PHE A 84 -18.50 8.15 -1.54
N GLU A 85 -19.43 8.66 -0.72
CA GLU A 85 -20.34 9.70 -1.21
C GLU A 85 -19.55 10.96 -1.57
N ARG A 86 -19.89 11.57 -2.71
CA ARG A 86 -19.05 12.63 -3.32
C ARG A 86 -18.52 13.77 -2.44
N PRO A 87 -19.36 14.37 -1.57
CA PRO A 87 -18.82 15.49 -0.79
C PRO A 87 -17.85 14.98 0.27
N LEU A 88 -18.05 13.73 0.71
CA LEU A 88 -17.19 13.16 1.72
C LEU A 88 -15.80 12.84 1.18
N VAL A 89 -15.72 12.52 -0.11
CA VAL A 89 -14.43 12.27 -0.76
C VAL A 89 -13.59 13.53 -0.65
N ARG A 90 -14.20 14.66 -1.00
CA ARG A 90 -13.51 15.94 -0.94
C ARG A 90 -13.06 16.25 0.49
N LYS A 91 -13.95 16.05 1.46
CA LYS A 91 -13.63 16.42 2.84
C LYS A 91 -12.57 15.50 3.46
N ALA A 92 -12.65 14.21 3.13
CA ALA A 92 -11.69 13.25 3.65
C ALA A 92 -10.33 13.60 3.08
N PHE A 93 -10.31 13.85 1.78
CA PHE A 93 -9.06 14.18 1.11
C PHE A 93 -8.44 15.46 1.66
N GLU A 94 -9.27 16.46 1.91
CA GLU A 94 -8.79 17.76 2.37
C GLU A 94 -8.14 17.62 3.74
N MLY A 95 -8.72 16.77 4.59
CA MLY A 95 -8.17 16.45 5.90
CB MLY A 95 -9.18 15.63 6.70
CG MLY A 95 -8.64 15.00 7.99
CD MLY A 95 -8.24 16.04 9.02
CE MLY A 95 -7.95 15.36 10.37
NZ MLY A 95 -6.92 16.09 11.15
CH1 MLY A 95 -7.52 17.34 11.62
CH2 MLY A 95 -6.69 15.26 12.35
C MLY A 95 -6.83 15.73 5.74
O MLY A 95 -5.85 16.03 6.44
N THR A 96 -6.76 14.80 4.78
CA THR A 96 -5.50 14.11 4.50
C THR A 96 -4.44 15.09 4.05
N LEU A 97 -4.78 15.92 3.06
CA LEU A 97 -3.79 16.85 2.50
C LEU A 97 -3.39 17.91 3.54
N MLZ A 98 -4.33 18.29 4.41
CA MLZ A 98 -4.03 19.28 5.42
CB MLZ A 98 -5.28 19.74 6.13
CG MLZ A 98 -4.93 20.89 7.07
CD MLZ A 98 -6.02 21.10 8.12
CE MLZ A 98 -5.70 22.31 9.01
NZ MLZ A 98 -5.75 23.57 8.27
CM MLZ A 98 -6.78 24.53 8.58
C MLZ A 98 -3.08 18.70 6.47
O MLZ A 98 -2.11 19.35 6.86
N ASP A 99 -3.38 17.50 6.93
CA ASP A 99 -2.53 16.83 7.90
C ASP A 99 -1.13 16.68 7.34
N LEU A 100 -1.05 16.36 6.05
CA LEU A 100 0.21 16.05 5.42
C LEU A 100 0.96 17.34 5.11
N LYS A 101 0.29 18.48 5.26
CA LYS A 101 0.91 19.78 4.99
C LYS A 101 1.51 19.87 3.59
N LEU A 102 0.84 19.26 2.61
CA LEU A 102 1.35 19.24 1.25
C LEU A 102 0.38 19.99 0.34
N SER A 103 0.83 20.29 -0.88
CA SER A 103 -0.05 20.99 -1.82
C SER A 103 -0.63 20.01 -2.83
N TYR A 104 -0.03 18.82 -2.89
CA TYR A 104 -0.55 17.76 -3.74
C TYR A 104 -0.12 16.38 -3.27
N LEU A 105 -0.90 15.36 -3.63
CA LEU A 105 -0.50 13.97 -3.42
C LEU A 105 -0.02 13.41 -4.76
N ASP A 106 0.95 12.52 -4.72
CA ASP A 106 1.37 11.82 -5.93
C ASP A 106 0.35 10.76 -6.37
N VAL A 107 -0.09 9.94 -5.42
CA VAL A 107 -1.17 8.99 -5.68
C VAL A 107 -2.25 9.04 -4.61
N TYR A 108 -3.51 8.96 -5.03
CA TYR A 108 -4.62 8.77 -4.09
C TYR A 108 -5.33 7.47 -4.44
N LEU A 109 -5.42 6.55 -3.47
CA LEU A 109 -5.97 5.21 -3.72
C LEU A 109 -7.31 5.01 -3.07
N ILE A 110 -8.17 4.21 -3.72
CA ILE A 110 -9.33 3.68 -3.03
C ILE A 110 -8.84 2.54 -2.11
N HIS A 111 -9.06 2.68 -0.80
CA HIS A 111 -8.42 1.80 0.20
C HIS A 111 -8.99 0.38 0.15
N TRP A 112 -10.30 0.32 -0.09
CA TRP A 112 -11.02 -0.95 -0.17
CA TRP A 112 -11.05 -0.94 -0.13
C TRP A 112 -12.16 -0.75 -1.16
N PRO A 113 -12.50 -1.81 -1.91
CA PRO A 113 -13.55 -1.69 -2.95
C PRO A 113 -14.99 -1.60 -2.41
N GLN A 114 -15.26 -2.14 -1.23
CA GLN A 114 -16.62 -2.16 -0.71
CA GLN A 114 -16.62 -2.15 -0.70
C GLN A 114 -16.95 -0.90 0.11
N GLY A 115 -18.08 -0.29 -0.21
CA GLY A 115 -18.55 0.89 0.51
C GLY A 115 -19.02 0.52 1.91
N PHE A 116 -18.63 1.32 2.90
CA PHE A 116 -19.17 1.15 4.24
C PHE A 116 -20.19 2.25 4.48
N LYS A 117 -20.94 2.16 5.58
CA LYS A 117 -21.88 3.24 5.94
C LYS A 117 -21.14 4.57 5.89
N SER A 118 -21.75 5.59 5.27
CA SER A 118 -21.07 6.88 5.12
C SER A 118 -21.06 7.70 6.41
N GLY A 119 -20.04 8.55 6.56
CA GLY A 119 -19.90 9.37 7.74
C GLY A 119 -18.51 9.31 8.34
N ASP A 120 -18.40 9.76 9.59
CA ASP A 120 -17.10 9.80 10.27
C ASP A 120 -16.91 8.72 11.34
N ASP A 121 -17.71 7.66 11.29
CA ASP A 121 -17.43 6.46 12.07
C ASP A 121 -16.68 5.47 11.18
N LEU A 122 -15.40 5.26 11.44
CA LEU A 122 -14.55 4.59 10.46
C LEU A 122 -14.83 3.10 10.39
N PHE A 123 -15.29 2.54 11.51
CA PHE A 123 -15.56 1.11 11.58
C PHE A 123 -17.02 0.82 11.99
N PRO A 124 -17.98 1.17 11.12
CA PRO A 124 -19.38 0.86 11.45
C PRO A 124 -19.62 -0.63 11.43
N ARG A 125 -20.12 -1.15 12.54
CA ARG A 125 -20.18 -2.58 12.79
C ARG A 125 -21.42 -2.96 13.57
N ASP A 126 -21.93 -4.17 13.33
CA ASP A 126 -23.01 -4.71 14.17
C ASP A 126 -22.43 -5.38 15.41
N ASP A 127 -23.32 -5.73 16.35
CA ASP A 127 -22.93 -6.31 17.64
C ASP A 127 -22.00 -7.51 17.51
N LYS A 128 -22.05 -8.18 16.35
CA LYS A 128 -21.22 -9.36 16.08
C LYS A 128 -19.93 -9.01 15.35
N GLY A 129 -19.72 -7.72 15.08
CA GLY A 129 -18.48 -7.27 14.46
C GLY A 129 -18.48 -7.21 12.93
N ASN A 130 -19.59 -7.63 12.33
CA ASN A 130 -19.70 -7.51 10.87
C ASN A 130 -19.78 -6.05 10.45
N ALA A 131 -19.12 -5.73 9.34
CA ALA A 131 -19.14 -4.38 8.78
C ALA A 131 -20.52 -3.99 8.25
N ILE A 132 -20.85 -2.72 8.41
CA ILE A 132 -22.10 -2.18 7.87
C ILE A 132 -21.85 -1.50 6.52
N GLY A 133 -22.52 -2.00 5.49
CA GLY A 133 -22.39 -1.43 4.17
C GLY A 133 -23.04 -0.07 4.04
N GLY A 134 -22.61 0.67 3.03
CA GLY A 134 -23.26 1.90 2.63
C GLY A 134 -23.64 1.76 1.17
N LYS A 135 -24.38 2.72 0.63
CA LYS A 135 -24.89 2.56 -0.74
C LYS A 135 -23.97 3.16 -1.81
N ALA A 136 -23.12 4.11 -1.41
CA ALA A 136 -22.19 4.71 -2.38
C ALA A 136 -21.15 3.67 -2.74
N THR A 137 -20.73 3.64 -4.00
CA THR A 137 -19.81 2.60 -4.45
C THR A 137 -18.44 3.16 -4.75
N PHE A 138 -17.49 2.29 -5.08
CA PHE A 138 -16.14 2.75 -5.42
C PHE A 138 -16.14 3.50 -6.74
N LEU A 139 -17.20 3.34 -7.51
CA LEU A 139 -17.40 4.10 -8.74
C LEU A 139 -17.82 5.52 -8.41
N ASP A 140 -18.77 5.64 -7.47
CA ASP A 140 -19.19 6.95 -7.03
C ASP A 140 -17.95 7.67 -6.48
N ALA A 141 -17.17 6.96 -5.68
CA ALA A 141 -15.94 7.54 -5.12
C ALA A 141 -14.96 7.94 -6.20
N TRP A 142 -14.69 7.03 -7.14
CA TRP A 142 -13.69 7.30 -8.17
C TRP A 142 -14.02 8.59 -8.91
N GLU A 143 -15.30 8.75 -9.23
CA GLU A 143 -15.78 9.90 -9.99
C GLU A 143 -15.29 11.18 -9.32
N ALA A 144 -15.56 11.30 -8.02
CA ALA A 144 -15.15 12.47 -7.24
C ALA A 144 -13.63 12.62 -7.12
N MET A 145 -12.95 11.49 -6.93
CA MET A 145 -11.49 11.46 -6.94
C MET A 145 -10.91 11.99 -8.24
N GLU A 146 -11.57 11.69 -9.37
CA GLU A 146 -11.10 12.20 -10.65
C GLU A 146 -11.05 13.73 -10.71
N GLU A 147 -11.95 14.39 -9.97
CA GLU A 147 -11.94 15.85 -9.95
C GLU A 147 -10.66 16.35 -9.31
N LEU A 148 -10.14 15.60 -8.34
CA LEU A 148 -8.90 15.97 -7.66
C LEU A 148 -7.75 16.03 -8.67
N VAL A 149 -7.76 15.09 -9.61
CA VAL A 149 -6.71 15.02 -10.61
C VAL A 149 -6.85 16.21 -11.57
N ASP A 150 -8.08 16.48 -12.01
CA ASP A 150 -8.37 17.63 -12.86
C ASP A 150 -7.82 18.92 -12.22
N GLU A 151 -8.12 19.14 -10.94
CA GLU A 151 -7.65 20.37 -10.27
C GLU A 151 -6.17 20.32 -9.88
N GLY A 152 -5.50 19.21 -10.17
CA GLY A 152 -4.08 19.05 -9.84
C GLY A 152 -3.82 18.88 -8.35
N LEU A 153 -4.79 18.36 -7.62
CA LEU A 153 -4.58 18.10 -6.20
C LEU A 153 -3.90 16.74 -5.98
N VAL A 154 -3.94 15.92 -7.03
CA VAL A 154 -3.47 14.55 -7.02
C VAL A 154 -2.90 14.28 -8.41
N MLZ A 155 -1.71 13.70 -8.49
CA MLZ A 155 -1.13 13.43 -9.80
CB MLZ A 155 0.37 13.20 -9.70
CG MLZ A 155 1.07 14.45 -9.19
CD MLZ A 155 0.75 15.66 -10.07
CE MLZ A 155 1.04 16.96 -9.33
NZ MLZ A 155 0.97 18.14 -10.17
CM MLZ A 155 2.09 19.07 -10.19
C MLZ A 155 -1.78 12.23 -10.43
O MLZ A 155 -2.07 12.23 -11.63
N ALA A 156 -1.99 11.17 -9.65
CA ALA A 156 -2.56 9.93 -10.18
C ALA A 156 -3.42 9.20 -9.17
N LEU A 157 -4.30 8.35 -9.68
CA LEU A 157 -5.24 7.64 -8.85
C LEU A 157 -4.87 6.17 -8.86
N GLY A 158 -5.30 5.46 -7.84
CA GLY A 158 -5.05 4.03 -7.82
C GLY A 158 -6.08 3.32 -6.99
N VAL A 159 -5.95 2.02 -6.86
CA VAL A 159 -6.92 1.24 -6.10
C VAL A 159 -6.13 0.37 -5.13
N SER A 160 -6.82 -0.27 -4.20
CA SER A 160 -6.13 -1.14 -3.27
C SER A 160 -7.10 -2.24 -2.87
N ASN A 161 -6.59 -3.46 -2.69
CA ASN A 161 -7.43 -4.59 -2.34
C ASN A 161 -8.50 -4.88 -3.40
N PHE A 162 -8.17 -4.62 -4.67
CA PHE A 162 -9.07 -4.91 -5.78
C PHE A 162 -8.75 -6.27 -6.42
N SER A 163 -9.78 -6.98 -6.85
CA SER A 163 -9.59 -8.20 -7.64
C SER A 163 -9.64 -7.80 -9.09
N HIS A 164 -9.29 -8.71 -10.00
CA HIS A 164 -9.29 -8.37 -11.42
C HIS A 164 -10.70 -8.04 -11.89
N PHE A 165 -11.69 -8.69 -11.28
CA PHE A 165 -13.09 -8.42 -11.61
C PHE A 165 -13.43 -6.97 -11.27
N GLN A 166 -12.87 -6.47 -10.18
CA GLN A 166 -13.09 -5.09 -9.78
C GLN A 166 -12.39 -4.13 -10.75
N ILE A 167 -11.13 -4.43 -11.05
CA ILE A 167 -10.37 -3.63 -11.99
C ILE A 167 -11.11 -3.54 -13.33
N GLU A 168 -11.62 -4.67 -13.79
CA GLU A 168 -12.40 -4.71 -15.04
C GLU A 168 -13.62 -3.80 -14.97
N LYS A 169 -14.36 -3.89 -13.87
CA LYS A 169 -15.52 -3.03 -13.63
C LYS A 169 -15.12 -1.56 -13.70
N LEU A 170 -13.93 -1.25 -13.19
CA LEU A 170 -13.45 0.13 -13.20
C LEU A 170 -13.09 0.57 -14.62
N LEU A 171 -12.34 -0.29 -15.31
CA LEU A 171 -11.82 0.10 -16.63
C LEU A 171 -12.90 0.12 -17.69
N ASN A 172 -13.96 -0.66 -17.48
CA ASN A 172 -15.04 -0.77 -18.44
C ASN A 172 -16.22 0.14 -18.12
N LYS A 173 -16.01 1.04 -17.14
CA LYS A 173 -17.02 2.03 -16.78
C LYS A 173 -17.07 3.11 -17.86
N PRO A 174 -18.23 3.26 -18.51
CA PRO A 174 -18.34 4.30 -19.54
C PRO A 174 -18.12 5.69 -18.94
N GLY A 175 -17.24 6.47 -19.56
CA GLY A 175 -17.04 7.85 -19.12
C GLY A 175 -15.93 8.01 -18.10
N LEU A 176 -15.12 6.96 -17.95
CA LEU A 176 -13.91 7.00 -17.13
C LEU A 176 -12.91 7.99 -17.74
N MLZ A 177 -12.31 8.82 -16.89
CA MLZ A 177 -11.35 9.82 -17.30
CB MLZ A 177 -11.67 11.04 -16.45
CG MLZ A 177 -11.32 12.38 -17.10
CD MLZ A 177 -11.63 13.53 -16.14
CE MLZ A 177 -12.98 13.40 -15.41
NZ MLZ A 177 -13.33 14.62 -14.68
CM MLZ A 177 -14.46 14.66 -13.78
C MLZ A 177 -9.93 9.36 -17.01
O MLZ A 177 -9.03 9.49 -17.84
N TYR A 178 -9.72 8.82 -15.82
CA TYR A 178 -8.36 8.39 -15.42
C TYR A 178 -8.30 6.92 -15.05
N LYS A 179 -7.21 6.25 -15.40
CA LYS A 179 -7.06 4.84 -15.07
C LYS A 179 -6.20 4.65 -13.81
N PRO A 180 -6.38 3.52 -13.10
CA PRO A 180 -5.55 3.32 -11.90
C PRO A 180 -4.11 3.02 -12.29
N VAL A 181 -3.14 3.65 -11.62
CA VAL A 181 -1.73 3.44 -11.94
C VAL A 181 -1.09 2.33 -11.11
N THR A 182 -1.81 1.88 -10.10
CA THR A 182 -1.33 0.79 -9.26
C THR A 182 -2.50 0.14 -8.53
N ASN A 183 -2.29 -1.13 -8.17
CA ASN A 183 -3.19 -1.83 -7.28
C ASN A 183 -2.35 -2.27 -6.07
N GLN A 184 -2.61 -1.68 -4.91
CA GLN A 184 -1.85 -2.07 -3.72
C GLN A 184 -2.54 -3.23 -3.04
N VAL A 185 -1.86 -4.37 -2.95
CA VAL A 185 -2.42 -5.56 -2.35
C VAL A 185 -1.38 -6.28 -1.51
N GLU A 186 -1.85 -7.07 -0.56
CA GLU A 186 -0.96 -7.94 0.21
C GLU A 186 -0.18 -8.82 -0.77
N CYS A 187 1.13 -8.93 -0.58
CA CYS A 187 1.94 -9.76 -1.45
C CYS A 187 3.25 -10.15 -0.78
N HIS A 188 3.57 -11.44 -0.86
CA HIS A 188 4.70 -12.02 -0.15
C HIS A 188 4.78 -13.49 -0.58
N PRO A 189 5.83 -14.20 -0.15
CA PRO A 189 5.94 -15.62 -0.56
C PRO A 189 4.75 -16.53 -0.25
N TYR A 190 3.90 -16.20 0.73
CA TYR A 190 2.76 -17.08 1.04
C TYR A 190 1.52 -16.72 0.24
N LEU A 191 1.56 -15.53 -0.38
CA LEU A 191 0.46 -15.00 -1.18
C LEU A 191 1.12 -14.29 -2.37
N THR A 192 1.54 -15.05 -3.37
CA THR A 192 2.43 -14.52 -4.39
C THR A 192 1.72 -13.74 -5.50
N GLN A 193 0.40 -13.90 -5.58
CA GLN A 193 -0.44 -13.06 -6.43
C GLN A 193 -0.10 -13.16 -7.93
N GLU A 194 0.30 -14.34 -8.40
CA GLU A 194 0.81 -14.46 -9.77
C GLU A 194 -0.19 -14.00 -10.84
N LYS A 195 -1.44 -14.48 -10.75
CA LYS A 195 -2.43 -14.15 -11.77
C LYS A 195 -2.83 -12.67 -11.73
N LEU A 196 -3.06 -12.16 -10.52
CA LEU A 196 -3.41 -10.74 -10.38
C LEU A 196 -2.30 -9.83 -10.88
N ILE A 197 -1.06 -10.18 -10.54
CA ILE A 197 0.08 -9.39 -11.02
C ILE A 197 0.14 -9.40 -12.55
N GLN A 198 0.01 -10.61 -13.11
CA GLN A 198 -0.05 -10.77 -14.56
C GLN A 198 -1.15 -9.85 -15.12
N TYR A 199 -2.37 -10.00 -14.62
CA TYR A 199 -3.49 -9.15 -15.07
C TYR A 199 -3.23 -7.64 -14.98
N CYS A 200 -2.73 -7.16 -13.84
CA CYS A 200 -2.52 -5.72 -13.69
C CYS A 200 -1.47 -5.22 -14.67
N HIS A 201 -0.44 -6.02 -14.85
CA HIS A 201 0.65 -5.64 -15.74
C HIS A 201 0.17 -5.59 -17.18
N SER A 202 -0.68 -6.55 -17.57
CA SER A 202 -1.19 -6.57 -18.93
C SER A 202 -2.12 -5.37 -19.21
N MLY A 203 -2.50 -4.63 -18.16
CA MLY A 203 -3.37 -3.48 -18.34
CB MLY A 203 -4.64 -3.60 -17.46
CG MLY A 203 -5.45 -4.88 -17.67
CD MLY A 203 -6.10 -4.99 -19.06
CE MLY A 203 -7.14 -6.12 -19.08
NZ MLY A 203 -7.64 -6.56 -20.43
CH1 MLY A 203 -8.49 -5.50 -20.99
CH2 MLY A 203 -6.47 -6.67 -21.31
C MLY A 203 -2.68 -2.16 -18.03
O MLY A 203 -3.34 -1.13 -17.95
N GLY A 204 -1.36 -2.18 -17.86
CA GLY A 204 -0.62 -0.95 -17.62
C GLY A 204 -0.64 -0.52 -16.16
N ILE A 205 -1.07 -1.44 -15.29
CA ILE A 205 -1.22 -1.17 -13.85
C ILE A 205 -0.10 -1.86 -13.05
N THR A 206 0.67 -1.08 -12.29
CA THR A 206 1.71 -1.67 -11.45
C THR A 206 1.07 -2.32 -10.23
N VAL A 207 1.89 -3.00 -9.43
CA VAL A 207 1.43 -3.56 -8.17
C VAL A 207 2.31 -3.09 -7.03
N THR A 208 1.67 -2.71 -5.92
CA THR A 208 2.37 -2.31 -4.72
C THR A 208 2.14 -3.41 -3.69
N ALA A 209 3.22 -3.97 -3.17
CA ALA A 209 3.11 -5.08 -2.22
C ALA A 209 3.01 -4.57 -0.79
N TYR A 210 1.88 -4.78 -0.12
CA TYR A 210 1.84 -4.43 1.29
C TYR A 210 2.02 -5.65 2.20
N SER A 211 2.27 -5.42 3.49
CA SER A 211 2.63 -6.49 4.42
C SER A 211 3.67 -7.47 3.89
N PRO A 212 4.77 -6.96 3.29
CA PRO A 212 5.73 -7.86 2.65
C PRO A 212 6.47 -8.72 3.66
N LEU A 213 6.44 -8.33 4.92
CA LEU A 213 7.13 -9.10 5.95
C LEU A 213 6.16 -9.97 6.75
N GLY A 214 4.90 -9.99 6.33
CA GLY A 214 3.92 -10.83 7.01
C GLY A 214 3.23 -10.08 8.13
N SER A 215 3.52 -8.78 8.24
CA SER A 215 2.84 -7.96 9.26
C SER A 215 2.81 -8.61 10.65
N PRO A 216 4.00 -9.00 11.19
CA PRO A 216 4.10 -9.80 12.43
C PRO A 216 3.51 -9.16 13.69
N ASP A 217 3.08 -7.92 13.64
CA ASP A 217 2.56 -7.21 14.81
C ASP A 217 1.12 -6.84 14.68
N ARG A 218 0.49 -7.33 13.65
CA ARG A 218 -0.91 -7.02 13.42
C ARG A 218 -1.70 -7.48 14.65
N PRO A 219 -2.80 -6.83 14.88
CA PRO A 219 -3.59 -7.03 16.08
C PRO A 219 -4.06 -8.45 16.16
N TRP A 220 -4.75 -8.90 15.14
CA TRP A 220 -5.34 -10.20 15.10
C TRP A 220 -4.46 -11.35 14.83
N ALA A 221 -3.26 -11.35 15.39
CA ALA A 221 -2.22 -12.30 15.01
C ALA A 221 -2.20 -13.48 15.98
N LYS A 222 -2.49 -14.67 15.46
CA LYS A 222 -2.54 -15.87 16.29
C LYS A 222 -1.22 -16.63 16.14
N PRO A 223 -0.68 -17.16 17.26
CA PRO A 223 0.60 -17.87 17.25
C PRO A 223 0.69 -19.02 16.24
N GLU A 224 -0.44 -19.64 15.94
CA GLU A 224 -0.50 -20.70 14.92
C GLU A 224 -0.34 -20.17 13.49
N ASP A 225 -0.55 -18.86 13.29
CA ASP A 225 -0.42 -18.24 11.97
C ASP A 225 1.03 -18.39 11.49
N PRO A 226 1.21 -18.69 10.19
CA PRO A 226 2.58 -18.77 9.66
C PRO A 226 3.34 -17.45 9.88
N SER A 227 4.66 -17.53 9.87
N SER A 227 4.66 -17.52 9.88
CA SER A 227 5.51 -16.37 10.20
CA SER A 227 5.48 -16.35 10.17
C SER A 227 6.68 -16.28 9.23
C SER A 227 6.67 -16.29 9.22
N LEU A 228 6.54 -15.44 8.20
CA LEU A 228 7.58 -15.27 7.18
C LEU A 228 9.00 -15.04 7.69
N LEU A 229 9.16 -14.14 8.65
CA LEU A 229 10.50 -13.80 9.14
C LEU A 229 11.16 -14.97 9.86
N GLU A 230 10.36 -15.92 10.34
CA GLU A 230 10.93 -17.06 11.07
C GLU A 230 10.98 -18.32 10.19
N ASP A 231 10.64 -18.18 8.91
CA ASP A 231 10.60 -19.31 8.00
C ASP A 231 12.00 -19.80 7.60
N PRO A 232 12.36 -21.03 8.03
CA PRO A 232 13.70 -21.58 7.75
C PRO A 232 14.03 -21.58 6.26
N MLZ A 233 13.01 -21.79 5.43
CA MLZ A 233 13.18 -21.80 3.98
CB MLZ A 233 11.95 -22.39 3.29
CG MLZ A 233 11.63 -23.80 3.79
CD MLZ A 233 10.13 -24.06 3.74
CE MLZ A 233 9.80 -25.50 3.34
NZ MLZ A 233 10.55 -26.47 4.13
CM MLZ A 233 11.42 -27.43 3.47
C MLZ A 233 13.42 -20.40 3.42
O MLZ A 233 14.04 -20.26 2.38
N ILE A 234 12.90 -19.37 4.10
CA ILE A 234 13.27 -17.99 3.75
C ILE A 234 14.64 -17.66 4.34
N LYS A 235 14.84 -18.10 5.58
CA LYS A 235 16.10 -17.81 6.31
C LYS A 235 17.32 -18.43 5.61
N GLU A 236 17.13 -19.62 5.03
CA GLU A 236 18.20 -20.30 4.28
C GLU A 236 18.72 -19.40 3.18
N ILE A 237 17.82 -18.98 2.31
CA ILE A 237 18.17 -18.05 1.22
C ILE A 237 18.86 -16.78 1.71
N ALA A 238 18.37 -16.21 2.81
CA ALA A 238 18.98 -15.00 3.35
C ALA A 238 20.41 -15.28 3.78
N ALA A 239 20.60 -16.41 4.46
CA ALA A 239 21.91 -16.82 4.94
C ALA A 239 22.84 -16.98 3.75
N LYS A 240 22.32 -17.57 2.68
CA LYS A 240 23.09 -17.79 1.45
C LYS A 240 23.70 -16.49 0.89
N HIS A 241 23.08 -15.35 1.20
CA HIS A 241 23.57 -14.05 0.74
C HIS A 241 24.12 -13.19 1.86
N MLY A 242 24.18 -13.76 3.07
CA MLY A 242 24.55 -13.01 4.27
CB MLY A 242 26.04 -12.61 4.26
CG MLY A 242 26.98 -13.75 3.88
CD MLY A 242 28.17 -13.86 4.80
CE MLY A 242 29.07 -15.03 4.35
NZ MLY A 242 30.04 -15.53 5.37
CH1 MLY A 242 30.69 -16.72 4.80
CH2 MLY A 242 29.29 -16.02 6.54
C MLY A 242 23.65 -11.78 4.49
O MLY A 242 24.09 -10.77 5.03
N MLZ A 243 22.39 -11.89 4.07
CA MLZ A 243 21.40 -10.83 4.29
CB MLZ A 243 20.68 -10.59 2.98
CG MLZ A 243 21.63 -9.98 1.94
CD MLZ A 243 22.29 -8.71 2.46
CE MLZ A 243 22.99 -7.93 1.34
NZ MLZ A 243 23.60 -6.71 1.86
CM MLZ A 243 22.78 -5.53 2.05
C MLZ A 243 20.39 -11.33 5.31
O MLZ A 243 20.44 -12.51 5.67
N THR A 244 19.48 -10.45 5.76
CA THR A 244 18.44 -10.86 6.71
C THR A 244 17.25 -11.36 5.94
N ALA A 245 16.33 -12.04 6.62
CA ALA A 245 15.09 -12.49 5.99
C ALA A 245 14.29 -11.33 5.40
N ALA A 246 14.22 -10.21 6.14
CA ALA A 246 13.47 -9.03 5.70
C ALA A 246 13.99 -8.54 4.36
N GLN A 247 15.31 -8.55 4.20
CA GLN A 247 15.91 -8.06 2.98
C GLN A 247 15.57 -8.95 1.80
N VAL A 248 15.58 -10.26 2.02
CA VAL A 248 15.15 -11.21 1.00
C VAL A 248 13.68 -10.99 0.64
N LEU A 249 12.85 -10.81 1.66
CA LEU A 249 11.41 -10.64 1.47
C LEU A 249 11.07 -9.41 0.65
N ILE A 250 11.87 -8.37 0.81
CA ILE A 250 11.72 -7.10 0.08
C ILE A 250 12.28 -7.26 -1.34
N ARG A 251 13.51 -7.78 -1.45
CA ARG A 251 14.17 -7.97 -2.76
C ARG A 251 13.34 -8.79 -3.75
N PHE A 252 12.65 -9.80 -3.22
CA PHE A 252 11.78 -10.66 -4.01
C PHE A 252 10.79 -9.88 -4.87
N HIS A 253 10.26 -8.78 -4.34
CA HIS A 253 9.28 -7.99 -5.08
C HIS A 253 9.97 -7.12 -6.13
N ILE A 254 11.11 -6.53 -5.75
CA ILE A 254 11.91 -5.73 -6.67
C ILE A 254 12.20 -6.48 -7.97
N GLN A 255 12.54 -7.76 -7.86
CA GLN A 255 12.89 -8.57 -9.01
C GLN A 255 11.66 -9.03 -9.80
N ARG A 256 10.47 -8.68 -9.32
CA ARG A 256 9.25 -8.92 -10.05
C ARG A 256 8.73 -7.60 -10.62
N ASN A 257 9.50 -6.54 -10.42
CA ASN A 257 9.09 -5.18 -10.75
C ASN A 257 7.81 -4.79 -10.01
N VAL A 258 7.69 -5.29 -8.76
CA VAL A 258 6.56 -4.97 -7.90
C VAL A 258 7.04 -4.01 -6.80
N ILE A 259 6.34 -2.89 -6.65
CA ILE A 259 6.66 -1.91 -5.62
C ILE A 259 6.38 -2.51 -4.23
N VAL A 260 7.17 -2.11 -3.23
CA VAL A 260 7.08 -2.76 -1.93
C VAL A 260 7.29 -1.79 -0.77
N ILE A 261 6.37 -1.82 0.18
CA ILE A 261 6.34 -0.81 1.23
C ILE A 261 6.39 -1.36 2.66
N PRO A 262 7.56 -1.90 3.05
CA PRO A 262 7.72 -2.37 4.44
C PRO A 262 7.57 -1.27 5.50
N MLY A 263 6.87 -1.59 6.59
CA MLY A 263 6.67 -0.65 7.69
CB MLY A 263 5.26 -0.79 8.28
CG MLY A 263 4.96 0.10 9.50
CD MLY A 263 4.98 -0.74 10.82
CE MLY A 263 5.00 0.11 12.10
NZ MLY A 263 5.19 -0.77 13.32
CH1 MLY A 263 5.21 0.07 14.52
CH2 MLY A 263 4.04 -1.69 13.43
C MLY A 263 7.67 -0.88 8.80
O MLY A 263 7.89 -2.02 9.23
N SER A 264 8.25 0.21 9.29
CA SER A 264 9.05 0.15 10.51
C SER A 264 9.18 1.53 11.14
N VAL A 265 9.28 1.57 12.47
CA VAL A 265 9.63 2.82 13.13
C VAL A 265 10.99 2.66 13.81
N THR A 266 11.64 1.52 13.56
CA THR A 266 12.95 1.22 14.11
C THR A 266 14.05 1.61 13.12
N PRO A 267 14.84 2.64 13.50
CA PRO A 267 15.90 3.21 12.67
C PRO A 267 16.80 2.15 12.01
N ALA A 268 17.33 1.22 12.79
CA ALA A 268 18.14 0.14 12.23
C ALA A 268 17.39 -0.66 11.17
N ARG A 269 16.11 -0.96 11.41
CA ARG A 269 15.37 -1.74 10.43
C ARG A 269 15.02 -0.90 9.20
N ILE A 270 14.72 0.38 9.42
CA ILE A 270 14.39 1.26 8.31
C ILE A 270 15.56 1.30 7.33
N VAL A 271 16.77 1.39 7.89
CA VAL A 271 17.97 1.34 7.07
C VAL A 271 18.11 -0.02 6.41
N GLU A 272 18.11 -1.08 7.21
CA GLU A 272 18.21 -2.44 6.71
C GLU A 272 17.29 -2.70 5.51
N ASN A 273 16.06 -2.22 5.61
CA ASN A 273 15.00 -2.57 4.64
C ASN A 273 15.22 -1.96 3.24
N ILE A 274 16.04 -0.91 3.16
CA ILE A 274 16.33 -0.34 1.85
C ILE A 274 17.70 -0.78 1.30
N GLN A 275 18.44 -1.55 2.11
CA GLN A 275 19.72 -2.12 1.66
C GLN A 275 19.49 -3.36 0.84
N VAL A 276 18.82 -3.21 -0.29
CA VAL A 276 18.39 -4.36 -1.07
C VAL A 276 18.75 -4.20 -2.56
N PHE A 277 19.78 -3.40 -2.82
CA PHE A 277 20.24 -3.10 -4.17
C PHE A 277 21.70 -3.51 -4.40
N ASP A 278 22.25 -4.31 -3.49
CA ASP A 278 23.61 -4.82 -3.66
C ASP A 278 23.63 -6.34 -3.64
N PHE A 279 22.51 -6.95 -3.96
CA PHE A 279 22.48 -8.39 -4.10
C PHE A 279 21.33 -8.76 -4.98
N LYS A 280 21.31 -10.02 -5.40
CA LYS A 280 20.36 -10.47 -6.37
C LYS A 280 20.04 -11.92 -6.06
N LEU A 281 18.75 -12.25 -6.01
CA LEU A 281 18.32 -13.61 -5.81
C LEU A 281 18.39 -14.33 -7.16
N SER A 282 19.04 -15.49 -7.17
CA SER A 282 19.13 -16.33 -8.37
C SER A 282 17.73 -16.71 -8.88
N ASP A 283 17.65 -17.23 -10.11
CA ASP A 283 16.36 -17.67 -10.67
C ASP A 283 15.84 -18.88 -9.91
N GLU A 284 16.77 -19.73 -9.48
CA GLU A 284 16.41 -20.89 -8.69
C GLU A 284 15.78 -20.43 -7.39
N GLU A 285 16.39 -19.43 -6.77
CA GLU A 285 15.89 -18.88 -5.51
C GLU A 285 14.53 -18.21 -5.68
N MET A 286 14.37 -17.45 -6.76
CA MET A 286 13.10 -16.79 -7.05
C MET A 286 12.01 -17.83 -7.28
N ALA A 287 12.36 -18.93 -7.95
CA ALA A 287 11.42 -20.02 -8.20
C ALA A 287 11.09 -20.78 -6.93
N THR A 288 12.11 -21.00 -6.11
CA THR A 288 11.87 -21.64 -4.81
C THR A 288 10.90 -20.77 -3.98
N ILE A 289 11.19 -19.48 -3.88
CA ILE A 289 10.36 -18.56 -3.10
C ILE A 289 8.91 -18.58 -3.59
N LEU A 290 8.72 -18.46 -4.90
CA LEU A 290 7.38 -18.51 -5.49
C LEU A 290 6.61 -19.78 -5.15
N SER A 291 7.32 -20.90 -5.06
CA SER A 291 6.73 -22.19 -4.72
C SER A 291 6.19 -22.23 -3.28
N PHE A 292 6.58 -21.25 -2.45
CA PHE A 292 6.10 -21.21 -1.07
C PHE A 292 4.64 -20.75 -1.00
N ASN A 293 4.08 -20.33 -2.13
CA ASN A 293 2.71 -19.86 -2.18
C ASN A 293 1.71 -20.84 -1.55
N ARG A 294 0.83 -20.32 -0.70
CA ARG A 294 -0.20 -21.15 -0.09
C ARG A 294 -1.49 -20.35 0.03
N ASN A 295 -1.55 -19.24 -0.69
CA ASN A 295 -2.70 -18.33 -0.72
C ASN A 295 -3.20 -17.93 0.67
N TRP A 296 -2.26 -17.64 1.56
CA TRP A 296 -2.61 -17.22 2.92
C TRP A 296 -2.55 -15.69 3.05
N ARG A 297 -3.64 -15.09 3.51
CA ARG A 297 -3.72 -13.65 3.72
C ARG A 297 -3.57 -13.32 5.20
N ALA A 298 -2.67 -12.40 5.52
CA ALA A 298 -2.65 -11.85 6.87
C ALA A 298 -3.81 -10.85 7.03
N CYS A 299 -4.22 -10.21 5.93
CA CYS A 299 -5.34 -9.27 5.96
C CYS A 299 -6.50 -9.78 5.10
N ASN A 300 -7.57 -10.23 5.77
CA ASN A 300 -8.74 -10.83 5.10
C ASN A 300 -10.00 -9.95 5.12
N LEU A 301 -10.06 -8.96 5.96
CA LEU A 301 -11.26 -8.25 6.33
C LEU A 301 -12.55 -9.09 6.35
N LEU A 302 -12.46 -10.32 6.86
CA LEU A 302 -13.56 -11.30 6.86
C LEU A 302 -14.90 -10.76 7.40
N GLN A 303 -14.83 -9.70 8.20
CA GLN A 303 -16.01 -9.06 8.75
C GLN A 303 -16.86 -8.34 7.70
N SER A 304 -16.39 -8.32 6.45
CA SER A 304 -17.11 -7.63 5.39
C SER A 304 -17.37 -8.59 4.25
N SER A 305 -17.21 -9.88 4.52
CA SER A 305 -17.49 -10.94 3.56
C SER A 305 -18.90 -10.85 2.95
N HIS A 306 -19.84 -10.32 3.72
CA HIS A 306 -21.24 -10.32 3.31
C HIS A 306 -21.62 -9.18 2.37
N LEU A 307 -20.69 -8.26 2.11
CA LEU A 307 -20.99 -7.11 1.26
C LEU A 307 -20.69 -7.38 -0.21
N GLU A 308 -21.42 -6.69 -1.08
CA GLU A 308 -21.41 -6.98 -2.52
C GLU A 308 -20.04 -7.09 -3.17
N ASP A 309 -19.18 -6.11 -2.95
CA ASP A 309 -17.92 -6.06 -3.67
C ASP A 309 -16.72 -6.61 -2.88
N TYR A 310 -16.94 -7.66 -2.09
CA TYR A 310 -15.84 -8.32 -1.39
C TYR A 310 -14.83 -8.86 -2.38
N PRO A 311 -13.57 -8.38 -2.30
CA PRO A 311 -12.60 -8.71 -3.35
C PRO A 311 -12.06 -10.14 -3.29
N PHE A 312 -12.09 -10.77 -2.12
CA PHE A 312 -11.24 -11.95 -1.89
C PHE A 312 -11.92 -13.28 -2.19
N ASN A 313 -13.20 -13.22 -2.55
CA ASN A 313 -13.93 -14.42 -2.95
C ASN A 313 -13.43 -14.96 -4.29
N ALA A 314 -13.25 -14.06 -5.26
CA ALA A 314 -12.70 -14.41 -6.55
C ALA A 314 -11.37 -15.16 -6.42
N GLU A 315 -10.97 -15.85 -7.48
CA GLU A 315 -9.69 -16.56 -7.48
C GLU A 315 -8.55 -15.55 -7.48
N TYR A 316 -8.59 -14.62 -8.45
CA TYR A 316 -7.68 -13.48 -8.48
C TYR A 316 -8.43 -12.20 -8.90
PA NAP B . 5.02 -5.32 7.24
O1A NAP B . 4.96 -6.69 6.59
O2A NAP B . 5.64 -4.11 6.60
O5B NAP B . 5.65 -5.56 8.67
C5B NAP B . 5.72 -4.52 9.64
C4B NAP B . 6.24 -5.17 10.92
O4B NAP B . 7.51 -5.77 10.66
C3B NAP B . 6.45 -4.15 12.04
O3B NAP B . 6.07 -4.76 13.28
C2B NAP B . 7.93 -3.92 12.09
O2B NAP B . 8.31 -3.65 13.44
C1B NAP B . 8.50 -5.23 11.56
N9A NAP B . 9.75 -5.05 10.79
C8A NAP B . 10.01 -4.12 9.85
N7A NAP B . 11.26 -4.31 9.38
C5A NAP B . 11.79 -5.36 10.03
C6A NAP B . 13.02 -6.00 9.96
N6A NAP B . 13.95 -5.55 9.10
N1A NAP B . 13.26 -7.06 10.78
C2A NAP B . 12.33 -7.50 11.63
N3A NAP B . 11.12 -6.89 11.72
C4A NAP B . 10.84 -5.83 10.92
O3 NAP B . 3.53 -4.99 7.77
PN NAP B . 2.42 -3.91 7.30
O1N NAP B . 2.69 -2.65 8.08
O2N NAP B . 1.06 -4.59 7.43
O5D NAP B . 2.59 -3.62 5.71
C5D NAP B . 3.41 -2.56 5.24
C4D NAP B . 2.63 -1.27 4.90
O4D NAP B . 1.70 -1.51 3.85
C3D NAP B . 1.80 -0.64 6.02
O3D NAP B . 2.53 0.14 7.00
C2D NAP B . 0.85 0.23 5.22
O2D NAP B . 1.52 1.46 4.87
C1D NAP B . 0.54 -0.65 4.00
N1N NAP B . -0.68 -1.48 4.18
C2N NAP B . -1.75 -1.27 3.39
C3N NAP B . -2.93 -2.01 3.52
C7N NAP B . -4.07 -1.74 2.58
O7N NAP B . -5.17 -2.23 2.83
N7N NAP B . -3.82 -1.02 1.48
C4N NAP B . -3.00 -3.03 4.46
C5N NAP B . -1.90 -3.26 5.28
C6N NAP B . -0.75 -2.47 5.10
P2B NAP B . 8.72 -2.15 13.89
O1X NAP B . 7.79 -1.26 13.11
O2X NAP B . 8.49 -2.09 15.35
O3X NAP B . 10.17 -1.98 13.49
O23 W8X C . -3.01 -0.64 6.35
C21 W8X C . -4.22 -0.95 6.44
O22 W8X C . -5.10 -0.42 5.73
C20 W8X C . -4.63 -2.02 7.43
O19 W8X C . -6.04 -1.98 7.69
C12 W8X C . -6.54 -1.30 8.77
C15 W8X C . -5.82 -0.22 9.30
C17 W8X C . -6.30 0.47 10.39
CL1 W8X C . -5.38 1.86 11.09
C16 W8X C . -7.51 0.12 10.99
C14 W8X C . -8.21 -0.95 10.48
C13 W8X C . -7.73 -1.65 9.38
C10 W8X C . -8.60 -2.78 8.91
O11 W8X C . -8.72 -3.03 7.71
N9 W8X C . -9.25 -3.41 9.88
C8 W8X C . -10.19 -4.52 9.84
C2 W8X C . -11.60 -3.97 9.88
C3 W8X C . -12.53 -4.51 10.78
C5 W8X C . -13.83 -4.01 10.82
C6 W8X C . -14.21 -2.98 9.95
BR7 W8X C . -15.97 -2.30 10.01
C4 W8X C . -13.29 -2.44 9.04
C1 W8X C . -11.99 -2.95 9.01
C1 EDO D . 3.46 -0.39 -16.99
C1 EDO D . 4.65 -3.03 -14.62
O1 EDO D . 3.63 1.00 -17.08
O1 EDO D . 5.90 -3.44 -15.15
C2 EDO D . 3.15 -0.80 -15.56
C2 EDO D . 4.46 -1.54 -14.85
O2 EDO D . 4.15 -1.68 -15.05
O2 EDO D . 3.44 -1.26 -15.78
#